data_8B4G
#
_entry.id   8B4G
#
_cell.length_a   34.402
_cell.length_b   87.312
_cell.length_c   37.482
_cell.angle_alpha   90.000
_cell.angle_beta   104.812
_cell.angle_gamma   90.000
#
_symmetry.space_group_name_H-M   'P 1 21 1'
#
loop_
_entity.id
_entity.type
_entity.pdbx_description
1 polymer 'Gh61 isozyme a'
2 non-polymer 'COPPER (II) ION'
3 non-polymer 2-acetamido-2-deoxy-beta-D-glucopyranose
4 non-polymer 'ACRYLIC ACID'
5 non-polymer Dihydroxyacetone
6 non-polymer 'CHLORIDE ION'
7 water water
#
_entity_poly.entity_id   1
_entity_poly.type   'polypeptide(L)'
_entity_poly.pdbx_seq_one_letter_code
;(HIC)GFVQNIVIDGKNYGGYLVNQYPYMSNPPEVIAWSTTATDLGFVDGTGYQTPDIICHRGAKPGALTAPVSPGGTVE
LQWTPWPDSHHGPVINYLAPCNGDCSTVDKTQLEFFKIAESGLINDDNPPGIWASDNLIAANNSWTVTIPTTIAPGNYVL
RHEIIALHSAQNQDGAQNYPQCINLQVTGGGSDNPAGTLGTALYHDTDPGILINIYQKLSSYIIPGPPLYTG
;
_entity_poly.pdbx_strand_id   AAA
#
# COMPACT_ATOMS: atom_id res chain seq x y z
N GLY A 2 -3.52 10.47 -5.82
CA GLY A 2 -2.10 10.62 -5.61
C GLY A 2 -1.41 9.29 -5.78
N PHE A 3 -0.10 9.27 -5.62
CA PHE A 3 0.73 8.06 -5.81
C PHE A 3 2.03 8.24 -5.04
N VAL A 4 2.77 7.15 -4.92
CA VAL A 4 4.11 7.16 -4.27
C VAL A 4 5.14 7.57 -5.32
N GLN A 5 5.86 8.66 -5.02
CA GLN A 5 6.84 9.25 -5.95
C GLN A 5 8.28 8.88 -5.57
N ASN A 6 8.53 8.42 -4.38
CA ASN A 6 9.91 8.19 -3.91
C ASN A 6 9.88 7.30 -2.68
N ILE A 7 10.93 6.51 -2.54
CA ILE A 7 11.10 5.58 -1.40
C ILE A 7 12.49 5.80 -0.80
N VAL A 8 12.58 6.11 0.48
CA VAL A 8 13.87 6.31 1.19
C VAL A 8 14.21 5.06 2.00
N ILE A 9 15.34 4.44 1.69
CA ILE A 9 15.85 3.23 2.42
C ILE A 9 17.34 3.43 2.64
N ASP A 10 17.86 3.19 3.85
N ASP A 10 17.74 3.36 3.93
CA ASP A 10 19.34 3.14 4.05
CA ASP A 10 19.14 3.27 4.43
C ASP A 10 20.02 4.41 3.50
C ASP A 10 19.97 4.37 3.74
N GLY A 11 19.45 5.59 3.72
CA GLY A 11 20.15 6.83 3.35
C GLY A 11 20.16 7.14 1.87
N LYS A 12 19.35 6.50 1.04
CA LYS A 12 19.29 6.91 -0.38
C LYS A 12 17.84 6.91 -0.85
N ASN A 13 17.62 7.60 -1.95
CA ASN A 13 16.31 7.60 -2.61
C ASN A 13 16.26 6.54 -3.71
N TYR A 14 15.22 5.71 -3.71
CA TYR A 14 14.80 4.87 -4.84
C TYR A 14 13.60 5.54 -5.48
N GLY A 15 13.72 5.98 -6.71
CA GLY A 15 12.62 6.70 -7.35
C GLY A 15 11.42 5.78 -7.55
N GLY A 16 10.24 6.34 -7.42
CA GLY A 16 9.00 5.56 -7.59
C GLY A 16 8.63 5.35 -9.05
N TYR A 17 7.48 4.69 -9.28
CA TYR A 17 6.87 4.57 -10.61
C TYR A 17 6.02 5.85 -10.80
N LEU A 18 6.54 6.79 -11.57
CA LEU A 18 5.91 8.14 -11.72
C LEU A 18 4.82 7.98 -12.78
N VAL A 19 3.63 7.67 -12.30
CA VAL A 19 2.50 7.21 -13.17
C VAL A 19 2.02 8.39 -14.08
N ASN A 20 2.41 9.62 -13.80
CA ASN A 20 2.11 10.78 -14.67
C ASN A 20 3.30 11.12 -15.58
N GLN A 21 4.30 10.25 -15.71
CA GLN A 21 5.41 10.45 -16.67
C GLN A 21 5.71 9.17 -17.44
N TYR A 22 5.99 8.08 -16.72
CA TYR A 22 6.57 6.87 -17.36
C TYR A 22 5.59 6.24 -18.35
N PRO A 23 4.26 6.20 -18.10
CA PRO A 23 3.32 5.63 -19.07
C PRO A 23 3.35 6.36 -20.43
N TYR A 24 3.87 7.56 -20.50
CA TYR A 24 3.87 8.41 -21.72
C TYR A 24 5.17 8.21 -22.48
N MET A 25 5.86 7.07 -22.25
N MET A 25 6.22 7.86 -21.70
CA MET A 25 7.15 6.73 -22.91
CA MET A 25 7.67 7.96 -22.06
C MET A 25 7.11 5.31 -23.50
C MET A 25 8.07 6.86 -23.03
N SER A 26 7.76 5.10 -24.65
N SER A 26 9.15 7.12 -23.78
CA SER A 26 7.93 3.73 -25.21
CA SER A 26 9.81 6.23 -24.76
C SER A 26 9.10 3.02 -24.52
C SER A 26 10.60 5.17 -24.02
N ASN A 27 9.98 3.77 -23.83
N ASN A 27 11.49 5.63 -23.14
CA ASN A 27 11.23 3.20 -23.24
CA ASN A 27 12.47 4.75 -22.45
C ASN A 27 11.41 3.71 -21.81
C ASN A 27 12.15 4.77 -20.97
N PRO A 28 10.52 3.38 -20.83
N PRO A 28 10.99 4.18 -20.60
CA PRO A 28 10.67 3.91 -19.47
CA PRO A 28 10.59 4.10 -19.22
C PRO A 28 11.82 3.29 -18.66
C PRO A 28 11.69 3.28 -18.56
N PRO A 29 12.23 3.87 -17.50
CA PRO A 29 13.32 3.31 -16.70
C PRO A 29 12.91 2.15 -15.79
N GLU A 30 13.92 1.40 -15.34
CA GLU A 30 13.81 0.33 -14.33
C GLU A 30 13.76 0.96 -12.93
N VAL A 31 12.79 0.54 -12.11
CA VAL A 31 12.65 1.02 -10.72
C VAL A 31 12.27 -0.16 -9.80
N ILE A 32 12.28 0.08 -8.51
CA ILE A 32 11.81 -0.94 -7.51
C ILE A 32 10.27 -0.97 -7.45
N ALA A 33 9.63 0.09 -7.93
CA ALA A 33 8.17 0.25 -7.87
C ALA A 33 7.50 -0.45 -9.04
N TRP A 34 6.33 -1.03 -8.80
CA TRP A 34 5.56 -1.68 -9.89
C TRP A 34 5.03 -0.63 -10.86
N SER A 35 4.99 -0.95 -12.16
CA SER A 35 4.28 -0.10 -13.15
C SER A 35 2.77 -0.27 -12.96
N THR A 36 2.00 0.77 -13.21
CA THR A 36 0.53 0.71 -13.23
C THR A 36 0.04 1.50 -14.43
N THR A 37 -1.24 1.36 -14.72
CA THR A 37 -1.92 2.16 -15.76
C THR A 37 -2.80 3.25 -15.15
N ALA A 38 -2.64 3.55 -13.86
CA ALA A 38 -3.54 4.48 -13.15
C ALA A 38 -3.09 5.93 -13.34
N THR A 39 -3.09 6.37 -14.58
CA THR A 39 -2.59 7.70 -14.99
C THR A 39 -3.56 8.82 -14.59
N ASP A 40 -4.73 8.46 -14.13
CA ASP A 40 -5.70 9.42 -13.53
C ASP A 40 -5.33 9.70 -12.06
N LEU A 41 -4.33 8.98 -11.54
N LEU A 41 -4.25 9.10 -11.53
CA LEU A 41 -3.82 9.08 -10.14
CA LEU A 41 -3.82 9.17 -10.10
C LEU A 41 -4.89 8.53 -9.19
C LEU A 41 -4.97 8.66 -9.22
N GLY A 42 -5.85 7.80 -9.76
CA GLY A 42 -7.01 7.34 -9.00
C GLY A 42 -6.82 5.98 -8.33
N PHE A 43 -7.93 5.22 -8.29
CA PHE A 43 -8.15 4.21 -7.24
C PHE A 43 -8.73 2.95 -7.87
N VAL A 44 -8.78 1.90 -7.06
CA VAL A 44 -9.55 0.66 -7.28
C VAL A 44 -10.69 0.70 -6.26
N ASP A 45 -11.92 0.68 -6.73
CA ASP A 45 -13.09 0.66 -5.82
C ASP A 45 -13.62 -0.76 -5.71
N GLY A 46 -14.71 -0.93 -4.95
CA GLY A 46 -15.23 -2.26 -4.59
C GLY A 46 -15.57 -3.13 -5.79
N THR A 47 -15.85 -2.52 -6.95
CA THR A 47 -16.09 -3.28 -8.20
C THR A 47 -14.83 -4.02 -8.64
N GLY A 48 -13.64 -3.67 -8.13
CA GLY A 48 -12.36 -4.24 -8.57
C GLY A 48 -11.70 -5.10 -7.50
N TYR A 49 -12.32 -5.27 -6.30
CA TYR A 49 -11.68 -5.99 -5.18
C TYR A 49 -11.39 -7.46 -5.52
N GLN A 50 -12.17 -8.06 -6.44
CA GLN A 50 -11.95 -9.45 -6.90
C GLN A 50 -11.44 -9.45 -8.34
N THR A 51 -10.76 -8.40 -8.79
CA THR A 51 -10.01 -8.37 -10.07
C THR A 51 -8.53 -8.26 -9.76
N PRO A 52 -7.63 -8.59 -10.69
CA PRO A 52 -6.22 -8.45 -10.43
C PRO A 52 -5.77 -7.01 -10.11
N ASP A 53 -6.61 -6.05 -10.43
CA ASP A 53 -6.28 -4.62 -10.23
C ASP A 53 -6.07 -4.30 -8.75
N ILE A 54 -6.72 -5.00 -7.82
CA ILE A 54 -6.60 -4.65 -6.38
C ILE A 54 -5.19 -5.01 -5.89
N ILE A 55 -4.44 -5.87 -6.56
CA ILE A 55 -3.22 -6.49 -5.97
C ILE A 55 -2.17 -5.37 -5.84
N CYS A 56 -1.81 -4.73 -6.94
CA CYS A 56 -0.80 -3.66 -6.99
C CYS A 56 -1.28 -2.50 -7.89
N HIS A 57 -2.60 -2.30 -7.99
CA HIS A 57 -3.29 -1.23 -8.74
C HIS A 57 -3.48 -1.67 -10.20
N ARG A 58 -4.19 -0.85 -10.95
CA ARG A 58 -4.72 -1.20 -12.29
CA ARG A 58 -4.70 -1.13 -12.32
C ARG A 58 -3.55 -1.52 -13.24
N GLY A 59 -3.65 -2.68 -13.90
CA GLY A 59 -2.70 -3.14 -14.93
C GLY A 59 -1.27 -3.33 -14.44
N ALA A 60 -1.09 -3.51 -13.14
CA ALA A 60 0.25 -3.45 -12.55
C ALA A 60 1.13 -4.59 -13.04
N LYS A 61 2.42 -4.30 -13.22
CA LYS A 61 3.48 -5.31 -13.52
C LYS A 61 4.65 -5.10 -12.56
N PRO A 62 5.39 -6.16 -12.18
CA PRO A 62 6.47 -6.03 -11.22
C PRO A 62 7.54 -5.02 -11.64
N GLY A 63 8.04 -4.26 -10.67
CA GLY A 63 9.30 -3.52 -10.85
C GLY A 63 10.43 -4.46 -11.23
N ALA A 64 11.37 -3.94 -12.00
CA ALA A 64 12.54 -4.71 -12.44
C ALA A 64 13.53 -4.85 -11.28
N LEU A 65 13.59 -3.87 -10.39
CA LEU A 65 14.64 -3.77 -9.35
C LEU A 65 14.07 -4.13 -7.97
N THR A 66 14.96 -4.44 -7.03
CA THR A 66 14.66 -4.81 -5.64
C THR A 66 15.61 -4.07 -4.70
N ALA A 67 15.08 -3.40 -3.66
CA ALA A 67 15.91 -2.64 -2.72
C ALA A 67 16.20 -3.47 -1.47
N PRO A 68 17.48 -3.63 -1.06
CA PRO A 68 17.81 -4.25 0.21
CA PRO A 68 17.75 -4.28 0.21
C PRO A 68 17.39 -3.39 1.41
N VAL A 69 16.87 -4.02 2.45
CA VAL A 69 16.51 -3.31 3.70
C VAL A 69 17.35 -3.93 4.84
N SER A 70 17.91 -3.10 5.73
CA SER A 70 18.62 -3.61 6.93
CA SER A 70 18.60 -3.58 6.96
C SER A 70 17.64 -4.35 7.84
N PRO A 71 18.14 -5.26 8.71
CA PRO A 71 17.24 -5.96 9.61
C PRO A 71 16.49 -5.03 10.58
N GLY A 72 15.16 -5.13 10.57
CA GLY A 72 14.28 -4.22 11.32
C GLY A 72 14.38 -2.79 10.80
N GLY A 73 14.83 -2.61 9.56
CA GLY A 73 15.04 -1.29 8.96
C GLY A 73 13.71 -0.64 8.58
N THR A 74 13.81 0.64 8.29
CA THR A 74 12.65 1.49 7.92
C THR A 74 12.63 1.63 6.39
N VAL A 75 11.41 1.71 5.88
CA VAL A 75 11.13 2.06 4.47
C VAL A 75 10.23 3.31 4.57
N GLU A 76 10.64 4.44 4.01
CA GLU A 76 9.82 5.68 4.01
C GLU A 76 9.22 5.88 2.62
N LEU A 77 7.91 5.85 2.52
CA LEU A 77 7.23 6.08 1.24
C LEU A 77 6.75 7.52 1.21
N GLN A 78 7.14 8.22 0.15
CA GLN A 78 6.79 9.66 -0.02
C GLN A 78 5.73 9.78 -1.10
N TRP A 79 4.57 10.29 -0.72
CA TRP A 79 3.42 10.47 -1.64
C TRP A 79 3.44 11.88 -2.25
N THR A 80 2.71 12.04 -3.35
CA THR A 80 2.20 13.35 -3.81
C THR A 80 1.32 13.91 -2.70
N PRO A 81 0.96 15.21 -2.70
CA PRO A 81 0.24 15.75 -1.53
C PRO A 81 -1.16 15.16 -1.37
N TRP A 82 -1.41 14.55 -0.22
CA TRP A 82 -2.64 13.77 -0.01
C TRP A 82 -3.73 14.74 0.38
N PRO A 83 -4.92 14.70 -0.27
CA PRO A 83 -5.97 15.65 0.08
C PRO A 83 -6.55 15.36 1.47
N ASP A 84 -6.72 16.38 2.29
CA ASP A 84 -7.29 16.17 3.64
CA ASP A 84 -7.34 16.29 3.64
C ASP A 84 -8.67 15.52 3.55
N SER A 85 -9.45 15.78 2.49
CA SER A 85 -10.80 15.19 2.31
C SER A 85 -10.74 13.65 2.30
N HIS A 86 -9.63 13.09 1.85
CA HIS A 86 -9.52 11.64 1.60
C HIS A 86 -9.14 10.90 2.89
N HIS A 87 -9.98 11.02 3.91
CA HIS A 87 -9.78 10.40 5.24
CA HIS A 87 -9.76 10.41 5.24
C HIS A 87 -9.83 8.88 5.15
N GLY A 88 -8.92 8.18 5.81
CA GLY A 88 -9.00 6.73 5.87
C GLY A 88 -7.74 6.10 6.39
N PRO A 89 -7.76 4.77 6.47
CA PRO A 89 -6.66 4.01 7.02
C PRO A 89 -5.47 3.93 6.07
N VAL A 90 -4.30 3.63 6.65
CA VAL A 90 -3.05 3.35 5.92
C VAL A 90 -2.61 1.96 6.38
N ILE A 91 -2.43 1.07 5.43
CA ILE A 91 -2.23 -0.37 5.70
C ILE A 91 -1.03 -0.88 4.91
N ASN A 92 -0.27 -1.77 5.51
CA ASN A 92 0.95 -2.28 4.87
C ASN A 92 0.99 -3.81 4.96
N TYR A 93 1.31 -4.45 3.85
CA TYR A 93 1.38 -5.91 3.70
C TYR A 93 2.69 -6.30 3.05
N LEU A 94 3.17 -7.51 3.37
CA LEU A 94 4.27 -8.16 2.63
C LEU A 94 3.74 -9.44 2.01
N ALA A 95 4.24 -9.76 0.82
CA ALA A 95 4.08 -11.12 0.25
C ALA A 95 5.42 -11.62 -0.22
N PRO A 96 5.78 -12.87 0.08
CA PRO A 96 7.05 -13.40 -0.38
C PRO A 96 7.06 -13.69 -1.88
N CYS A 97 8.19 -13.46 -2.52
CA CYS A 97 8.37 -13.67 -3.97
C CYS A 97 8.92 -15.09 -4.23
N ASN A 98 9.60 -15.67 -3.26
CA ASN A 98 10.18 -17.04 -3.40
C ASN A 98 11.00 -17.11 -4.71
N GLY A 99 11.88 -16.14 -4.89
CA GLY A 99 12.63 -15.92 -6.15
C GLY A 99 12.73 -14.43 -6.42
N ASP A 100 13.05 -14.05 -7.65
CA ASP A 100 13.16 -12.63 -8.07
C ASP A 100 11.74 -12.03 -8.13
N CYS A 101 11.46 -10.94 -7.41
CA CYS A 101 10.15 -10.27 -7.45
C CYS A 101 9.83 -9.82 -8.89
N SER A 102 10.84 -9.58 -9.71
CA SER A 102 10.62 -9.04 -11.07
C SER A 102 9.86 -10.03 -11.95
N THR A 103 9.78 -11.31 -11.58
CA THR A 103 9.18 -12.36 -12.43
C THR A 103 7.94 -13.00 -11.76
N VAL A 104 7.43 -12.42 -10.67
CA VAL A 104 6.32 -13.04 -9.92
C VAL A 104 5.04 -12.94 -10.73
N ASP A 105 4.16 -13.89 -10.49
CA ASP A 105 2.76 -13.87 -10.94
C ASP A 105 1.95 -13.22 -9.82
N LYS A 106 1.55 -11.96 -10.01
CA LYS A 106 0.93 -11.20 -8.92
C LYS A 106 -0.31 -11.93 -8.40
N THR A 107 -1.01 -12.72 -9.23
CA THR A 107 -2.30 -13.34 -8.86
C THR A 107 -2.08 -14.47 -7.83
N GLN A 108 -0.83 -14.91 -7.62
CA GLN A 108 -0.41 -16.02 -6.73
CA GLN A 108 -0.52 -16.00 -6.67
C GLN A 108 0.16 -15.47 -5.42
N LEU A 109 0.39 -14.15 -5.32
CA LEU A 109 0.99 -13.57 -4.10
C LEU A 109 0.04 -13.73 -2.91
N GLU A 110 0.57 -14.10 -1.74
CA GLU A 110 -0.20 -14.27 -0.48
C GLU A 110 0.37 -13.29 0.52
N PHE A 111 -0.43 -12.26 0.81
CA PHE A 111 -0.05 -11.10 1.67
C PHE A 111 -0.32 -11.35 3.13
N PHE A 112 0.59 -10.91 4.00
CA PHE A 112 0.28 -10.77 5.43
C PHE A 112 0.44 -9.33 5.88
N LYS A 113 -0.46 -8.88 6.74
CA LYS A 113 -0.52 -7.48 7.21
C LYS A 113 0.57 -7.27 8.25
N ILE A 114 1.47 -6.31 8.01
CA ILE A 114 2.56 -5.99 8.98
C ILE A 114 2.29 -4.70 9.74
N ALA A 115 1.39 -3.86 9.28
CA ALA A 115 1.06 -2.63 10.00
C ALA A 115 -0.28 -2.09 9.52
N GLU A 116 -0.98 -1.47 10.44
CA GLU A 116 -2.28 -0.85 10.13
C GLU A 116 -2.48 0.32 11.07
N SER A 117 -3.09 1.36 10.51
CA SER A 117 -3.51 2.53 11.30
CA SER A 117 -3.52 2.55 11.31
C SER A 117 -4.86 3.01 10.75
N GLY A 118 -5.78 3.37 11.63
CA GLY A 118 -7.15 3.66 11.19
C GLY A 118 -7.66 5.02 11.64
N LEU A 119 -8.72 5.01 12.45
CA LEU A 119 -9.30 6.25 13.00
C LEU A 119 -8.51 6.60 14.26
N ILE A 120 -7.85 7.74 14.26
CA ILE A 120 -6.96 8.14 15.40
C ILE A 120 -7.76 8.91 16.45
N ASN A 121 -8.60 9.84 16.03
CA ASN A 121 -9.37 10.68 16.96
C ASN A 121 -10.68 11.09 16.26
N ASP A 122 -11.77 11.18 17.02
CA ASP A 122 -13.10 11.52 16.41
C ASP A 122 -13.77 12.66 17.18
N ASP A 123 -12.99 13.54 17.83
CA ASP A 123 -13.54 14.73 18.54
C ASP A 123 -14.40 15.59 17.60
N ASN A 124 -14.01 15.76 16.32
CA ASN A 124 -14.75 16.56 15.33
C ASN A 124 -14.92 15.74 14.06
N PRO A 125 -16.02 14.95 13.94
CA PRO A 125 -16.26 14.09 12.79
C PRO A 125 -16.10 14.93 11.52
N PRO A 126 -15.48 14.41 10.45
CA PRO A 126 -15.11 12.99 10.34
C PRO A 126 -13.84 12.53 11.06
N GLY A 127 -13.16 13.44 11.74
CA GLY A 127 -12.05 13.09 12.62
C GLY A 127 -10.71 13.06 11.92
N ILE A 128 -9.74 12.49 12.63
CA ILE A 128 -8.31 12.45 12.27
C ILE A 128 -7.98 10.98 12.08
N TRP A 129 -7.48 10.66 10.89
CA TRP A 129 -7.22 9.28 10.44
C TRP A 129 -5.75 9.11 10.17
N ALA A 130 -5.36 7.87 9.91
CA ALA A 130 -4.00 7.56 9.48
C ALA A 130 -3.62 8.43 8.28
N SER A 131 -4.52 8.66 7.31
CA SER A 131 -4.23 9.54 6.16
C SER A 131 -3.86 10.94 6.64
N ASP A 132 -4.53 11.46 7.67
CA ASP A 132 -4.15 12.77 8.25
C ASP A 132 -2.77 12.74 8.93
N ASN A 133 -2.39 11.67 9.61
CA ASN A 133 -1.03 11.45 10.12
C ASN A 133 -0.02 11.53 8.95
N LEU A 134 -0.34 10.88 7.81
CA LEU A 134 0.51 10.91 6.60
C LEU A 134 0.68 12.36 6.12
N ILE A 135 -0.41 13.12 6.05
CA ILE A 135 -0.32 14.55 5.66
C ILE A 135 0.53 15.32 6.69
N ALA A 136 0.32 15.08 7.98
CA ALA A 136 1.05 15.82 9.03
C ALA A 136 2.53 15.50 8.97
N ALA A 137 2.93 14.34 8.43
CA ALA A 137 4.33 13.98 8.23
C ALA A 137 4.81 14.45 6.85
N ASN A 138 4.17 15.48 6.29
CA ASN A 138 4.58 16.05 4.97
C ASN A 138 4.49 14.94 3.89
N ASN A 139 3.42 14.18 3.91
CA ASN A 139 3.02 13.16 2.88
C ASN A 139 3.99 11.99 2.85
N SER A 140 4.44 11.53 3.98
CA SER A 140 5.40 10.42 4.15
CA SER A 140 5.32 10.36 4.06
C SER A 140 4.79 9.38 5.10
N TRP A 141 5.12 8.12 4.89
CA TRP A 141 4.73 7.03 5.81
C TRP A 141 6.00 6.20 6.05
N THR A 142 6.22 5.83 7.32
N THR A 142 6.30 5.89 7.30
CA THR A 142 7.38 5.03 7.76
CA THR A 142 7.46 5.01 7.61
C THR A 142 6.88 3.61 8.10
C THR A 142 6.88 3.66 8.01
N VAL A 143 7.42 2.60 7.41
CA VAL A 143 7.15 1.17 7.63
CA VAL A 143 7.08 1.24 7.87
C VAL A 143 8.40 0.56 8.25
N THR A 144 8.30 -0.16 9.36
CA THR A 144 9.40 -0.94 9.98
C THR A 144 9.20 -2.38 9.55
N ILE A 145 10.19 -2.94 8.90
CA ILE A 145 10.08 -4.37 8.44
C ILE A 145 10.35 -5.24 9.67
N PRO A 146 9.47 -6.18 10.02
CA PRO A 146 9.65 -7.00 11.21
C PRO A 146 10.96 -7.79 11.15
N THR A 147 11.58 -8.00 12.32
CA THR A 147 12.80 -8.82 12.47
C THR A 147 12.48 -10.30 12.56
N THR A 148 11.23 -10.69 12.76
CA THR A 148 10.84 -12.08 13.12
C THR A 148 10.41 -12.87 11.88
N ILE A 149 10.34 -12.25 10.69
CA ILE A 149 9.93 -12.95 9.46
C ILE A 149 11.17 -13.52 8.76
N ALA A 150 10.94 -14.56 7.97
CA ALA A 150 11.96 -15.18 7.12
C ALA A 150 12.44 -14.13 6.13
N PRO A 151 13.76 -13.95 6.01
CA PRO A 151 14.29 -13.03 5.02
C PRO A 151 14.10 -13.63 3.64
N GLY A 152 14.29 -12.78 2.63
CA GLY A 152 14.04 -13.12 1.23
C GLY A 152 13.50 -11.92 0.48
N ASN A 153 13.07 -12.15 -0.74
CA ASN A 153 12.52 -11.09 -1.58
C ASN A 153 11.03 -11.03 -1.28
N TYR A 154 10.48 -9.84 -1.18
CA TYR A 154 9.06 -9.62 -0.83
C TYR A 154 8.54 -8.43 -1.64
N VAL A 155 7.26 -8.51 -1.99
CA VAL A 155 6.46 -7.31 -2.38
C VAL A 155 5.92 -6.62 -1.12
N LEU A 156 6.20 -5.32 -0.94
CA LEU A 156 5.52 -4.44 0.03
C LEU A 156 4.35 -3.81 -0.72
N ARG A 157 3.16 -4.06 -0.22
CA ARG A 157 1.92 -3.46 -0.72
C ARG A 157 1.47 -2.43 0.31
N HIS A 158 1.59 -1.18 -0.05
CA HIS A 158 1.40 -0.01 0.83
C HIS A 158 0.17 0.72 0.33
N GLU A 159 -0.80 0.99 1.19
CA GLU A 159 -2.11 1.41 0.69
C GLU A 159 -2.74 2.49 1.58
N ILE A 160 -3.38 3.48 0.97
CA ILE A 160 -4.38 4.37 1.62
C ILE A 160 -5.75 3.93 1.12
N ILE A 161 -6.76 3.86 2.00
CA ILE A 161 -8.18 3.69 1.57
C ILE A 161 -8.88 4.97 1.96
N ALA A 162 -9.27 5.76 0.98
CA ALA A 162 -10.05 7.00 1.20
C ALA A 162 -11.55 6.72 1.38
N LEU A 163 -12.18 7.26 2.42
CA LEU A 163 -13.56 6.88 2.81
C LEU A 163 -14.54 8.03 2.66
N HIS A 164 -14.14 9.14 2.03
CA HIS A 164 -15.02 10.34 1.93
C HIS A 164 -16.29 10.10 1.11
N SER A 165 -16.34 9.05 0.30
CA SER A 165 -17.53 8.68 -0.51
CA SER A 165 -17.50 8.65 -0.53
C SER A 165 -18.02 7.28 -0.10
N ALA A 166 -17.57 6.75 1.04
CA ALA A 166 -17.72 5.30 1.37
C ALA A 166 -19.10 4.97 1.95
N GLN A 167 -20.00 5.93 2.07
CA GLN A 167 -21.37 5.58 2.55
C GLN A 167 -22.18 4.91 1.45
N ASN A 168 -21.80 5.02 0.18
N ASN A 168 -21.73 5.03 0.19
CA ASN A 168 -22.51 4.24 -0.88
CA ASN A 168 -22.28 4.40 -1.05
C ASN A 168 -21.65 3.05 -1.29
C ASN A 168 -21.60 3.02 -1.26
N GLN A 169 -22.33 2.01 -1.73
CA GLN A 169 -21.72 0.76 -2.23
C GLN A 169 -20.64 1.08 -3.28
N ASP A 170 -19.46 0.50 -3.12
CA ASP A 170 -18.29 0.69 -4.02
C ASP A 170 -17.80 2.13 -3.99
N GLY A 171 -18.08 2.88 -2.94
CA GLY A 171 -17.60 4.29 -2.83
C GLY A 171 -16.23 4.39 -2.20
N ALA A 172 -15.79 3.44 -1.40
CA ALA A 172 -14.41 3.50 -0.84
C ALA A 172 -13.40 3.47 -1.99
N GLN A 173 -12.29 4.17 -1.85
CA GLN A 173 -11.24 4.31 -2.89
C GLN A 173 -9.95 3.70 -2.38
N ASN A 174 -9.52 2.58 -2.94
CA ASN A 174 -8.24 1.96 -2.53
C ASN A 174 -7.10 2.48 -3.41
N TYR A 175 -5.97 2.80 -2.80
CA TYR A 175 -4.76 3.34 -3.49
C TYR A 175 -3.57 2.46 -3.13
N PRO A 176 -3.48 1.24 -3.66
CA PRO A 176 -2.31 0.39 -3.40
C PRO A 176 -1.12 0.80 -4.28
N GLN A 177 0.06 0.75 -3.67
CA GLN A 177 1.35 1.00 -4.34
C GLN A 177 2.32 -0.11 -3.90
N CYS A 178 2.88 -0.82 -4.85
CA CYS A 178 3.75 -1.99 -4.56
C CYS A 178 5.20 -1.64 -4.89
N ILE A 179 6.12 -2.12 -4.07
CA ILE A 179 7.58 -2.02 -4.32
C ILE A 179 8.22 -3.36 -3.93
N ASN A 180 9.36 -3.61 -4.52
CA ASN A 180 10.13 -4.85 -4.32
C ASN A 180 11.22 -4.63 -3.26
N LEU A 181 11.27 -5.47 -2.24
CA LEU A 181 12.26 -5.39 -1.14
C LEU A 181 13.01 -6.71 -1.00
N GLN A 182 14.27 -6.62 -0.64
CA GLN A 182 15.07 -7.74 -0.13
C GLN A 182 15.16 -7.56 1.39
N VAL A 183 14.39 -8.38 2.09
CA VAL A 183 14.36 -8.41 3.58
C VAL A 183 15.58 -9.22 4.06
N THR A 184 16.29 -8.70 5.03
CA THR A 184 17.55 -9.31 5.54
C THR A 184 17.42 -9.60 7.04
N GLY A 185 18.25 -10.47 7.59
CA GLY A 185 18.28 -10.72 9.03
C GLY A 185 18.11 -12.18 9.34
N GLY A 186 17.70 -12.44 10.58
CA GLY A 186 17.77 -13.78 11.18
C GLY A 186 16.42 -14.41 11.43
N GLY A 187 15.31 -13.74 11.08
CA GLY A 187 13.95 -14.26 11.36
C GLY A 187 13.57 -15.58 10.70
N SER A 188 12.50 -16.23 11.16
CA SER A 188 12.08 -17.53 10.58
CA SER A 188 12.06 -17.56 10.67
C SER A 188 10.56 -17.61 10.36
N ASP A 189 9.76 -16.62 10.77
CA ASP A 189 8.29 -16.80 10.65
C ASP A 189 7.91 -16.76 9.17
N ASN A 190 7.02 -17.63 8.74
CA ASN A 190 6.37 -17.57 7.40
C ASN A 190 4.87 -17.37 7.61
N PRO A 191 4.41 -16.13 7.89
CA PRO A 191 3.03 -15.90 8.30
C PRO A 191 2.03 -16.37 7.25
N ALA A 192 0.87 -16.81 7.75
CA ALA A 192 -0.28 -17.17 6.89
C ALA A 192 -0.67 -15.94 6.05
N GLY A 193 -0.74 -16.16 4.75
CA GLY A 193 -0.97 -15.14 3.74
C GLY A 193 -2.35 -15.23 3.12
N THR A 194 -2.84 -14.08 2.66
CA THR A 194 -4.15 -13.87 2.05
C THR A 194 -3.92 -13.46 0.58
N LEU A 195 -4.60 -14.10 -0.38
CA LEU A 195 -4.60 -13.61 -1.79
C LEU A 195 -5.07 -12.15 -1.86
N GLY A 196 -4.50 -11.40 -2.81
CA GLY A 196 -4.90 -10.00 -3.03
C GLY A 196 -6.40 -9.86 -3.19
N THR A 197 -7.03 -10.77 -3.94
CA THR A 197 -8.48 -10.75 -4.21
C THR A 197 -9.32 -11.21 -3.01
N ALA A 198 -8.72 -11.54 -1.87
CA ALA A 198 -9.48 -11.89 -0.64
C ALA A 198 -9.15 -10.89 0.48
N LEU A 199 -8.41 -9.83 0.21
CA LEU A 199 -8.14 -8.83 1.25
C LEU A 199 -9.42 -8.12 1.65
N TYR A 200 -10.25 -7.69 0.68
CA TYR A 200 -11.36 -6.77 0.95
C TYR A 200 -12.63 -7.21 0.21
N HIS A 201 -13.77 -6.92 0.81
N HIS A 201 -13.77 -6.97 0.86
CA HIS A 201 -15.09 -7.08 0.16
CA HIS A 201 -15.11 -7.03 0.22
C HIS A 201 -15.83 -5.75 0.29
C HIS A 201 -15.77 -5.67 0.27
N ASP A 202 -16.65 -5.40 -0.69
CA ASP A 202 -17.26 -4.06 -0.81
C ASP A 202 -18.31 -3.80 0.28
N THR A 203 -18.62 -4.76 1.15
CA THR A 203 -19.56 -4.55 2.28
C THR A 203 -18.84 -4.63 3.63
N ASP A 204 -17.52 -4.64 3.66
CA ASP A 204 -16.78 -4.75 4.94
C ASP A 204 -17.17 -3.56 5.82
N PRO A 205 -17.20 -3.72 7.16
CA PRO A 205 -17.59 -2.61 8.03
C PRO A 205 -16.66 -1.40 8.03
N GLY A 206 -15.40 -1.57 7.65
CA GLY A 206 -14.51 -0.38 7.51
C GLY A 206 -14.45 0.13 6.08
N ILE A 207 -15.28 -0.45 5.19
CA ILE A 207 -15.30 -0.10 3.74
C ILE A 207 -16.61 0.58 3.38
N LEU A 208 -17.72 0.02 3.82
CA LEU A 208 -19.07 0.60 3.60
C LEU A 208 -19.48 1.23 4.92
N ILE A 209 -19.33 2.53 5.00
CA ILE A 209 -19.28 3.26 6.29
C ILE A 209 -19.51 4.74 6.02
N ASN A 210 -20.25 5.40 6.90
CA ASN A 210 -20.46 6.87 6.88
C ASN A 210 -19.53 7.50 7.91
N ILE A 211 -18.41 8.07 7.49
CA ILE A 211 -17.40 8.66 8.41
C ILE A 211 -17.83 10.02 8.98
N TYR A 212 -18.92 10.59 8.47
CA TYR A 212 -19.31 11.99 8.79
C TYR A 212 -20.10 12.04 10.10
N GLN A 213 -20.62 10.90 10.52
CA GLN A 213 -21.29 10.72 11.85
C GLN A 213 -20.24 10.38 12.90
N LYS A 214 -20.55 10.59 14.20
CA LYS A 214 -19.70 10.12 15.30
C LYS A 214 -19.48 8.60 15.19
N LEU A 215 -18.23 8.12 15.26
CA LEU A 215 -17.92 6.67 15.23
C LEU A 215 -17.30 6.31 16.59
N SER A 216 -17.75 5.23 17.23
CA SER A 216 -17.28 4.75 18.56
C SER A 216 -16.03 3.87 18.36
N SER A 217 -15.91 3.33 17.15
CA SER A 217 -14.86 2.37 16.75
C SER A 217 -14.76 2.40 15.23
N TYR A 218 -13.65 1.90 14.71
CA TYR A 218 -13.42 1.66 13.28
C TYR A 218 -12.67 0.35 13.15
N ILE A 219 -13.22 -0.59 12.39
CA ILE A 219 -12.63 -1.92 12.12
C ILE A 219 -11.76 -1.80 10.85
N ILE A 220 -10.45 -1.77 11.03
CA ILE A 220 -9.54 -1.57 9.87
C ILE A 220 -9.74 -2.79 8.97
N PRO A 221 -9.96 -2.58 7.65
CA PRO A 221 -10.21 -3.70 6.75
C PRO A 221 -8.97 -4.57 6.55
N GLY A 222 -9.22 -5.75 6.04
CA GLY A 222 -8.17 -6.70 5.64
C GLY A 222 -7.95 -7.76 6.69
N PRO A 223 -7.11 -8.74 6.36
CA PRO A 223 -6.86 -9.85 7.27
C PRO A 223 -6.12 -9.40 8.52
N PRO A 224 -6.07 -10.28 9.55
CA PRO A 224 -5.50 -9.88 10.82
C PRO A 224 -4.02 -9.49 10.77
N LEU A 225 -3.67 -8.50 11.59
CA LEU A 225 -2.30 -8.03 11.76
C LEU A 225 -1.43 -9.21 12.20
N TYR A 226 -0.31 -9.41 11.53
CA TYR A 226 0.75 -10.32 11.99
C TYR A 226 1.54 -9.63 13.10
N THR A 227 1.71 -10.27 14.26
CA THR A 227 2.39 -9.59 15.41
C THR A 227 3.68 -10.33 15.82
N GLY A 228 3.88 -11.58 15.42
CA GLY A 228 5.20 -12.22 15.53
C GLY A 228 5.72 -12.24 16.95
#